data_3IS3
#
_entry.id   3IS3
#
_cell.length_a   67.914
_cell.length_b   67.914
_cell.length_c   268.347
_cell.angle_alpha   90.00
_cell.angle_beta   90.00
_cell.angle_gamma   90.00
#
_symmetry.space_group_name_H-M   'I 41 2 2'
#
loop_
_entity.id
_entity.type
_entity.pdbx_description
1 polymer '17beta-hydroxysteroid dehydrogenase'
2 non-polymer 'CHLORIDE ION'
3 non-polymer DI(HYDROXYETHYL)ETHER
4 non-polymer GLYCEROL
5 water water
#
_entity_poly.entity_id   1
_entity_poly.type   'polypeptide(L)'
_entity_poly.pdbx_seq_one_letter_code
;MPHVENASETYIPGRLDGKVALVTGSGRGIGAAVAVHLGRLGAKVVVNYANSTKDAEKVVSEIKALGSDAIAIKADIRQV
PEIVKLFDQAVAHFGHLDIAVSNSGVVSFGHLKDVTEEEFDRVFSLNTRGQFFVAREAYRHLTEGGRIVLTSSNTSKDFS
VPKHSLYSGSKGAVDSFVRIFSKDCGDKKITVNAVAPGGTVTDMFHEVSHHYIPNGTSYTAEQRQQMAAHASPLHRNGWP
QDVANVVGFLVSKEGEWVNGKVLTLDGGAA
;
_entity_poly.pdbx_strand_id   A
#
loop_
_chem_comp.id
_chem_comp.type
_chem_comp.name
_chem_comp.formula
CL non-polymer 'CHLORIDE ION' 'Cl -1'
GOL non-polymer GLYCEROL 'C3 H8 O3'
PEG non-polymer DI(HYDROXYETHYL)ETHER 'C4 H10 O3'
#
# COMPACT_ATOMS: atom_id res chain seq x y z
N TYR A 11 13.51 -7.23 -23.49
N TYR A 11 17.98 1.49 -23.10
CA TYR A 11 13.26 -6.72 -22.10
CA TYR A 11 17.61 0.88 -21.79
C TYR A 11 13.61 -5.24 -21.96
C TYR A 11 16.57 1.69 -21.04
N ILE A 12 12.67 -4.45 -21.46
N ILE A 12 15.42 1.07 -20.79
CA ILE A 12 12.94 -3.05 -21.13
CA ILE A 12 14.40 1.69 -19.97
C ILE A 12 13.13 -2.86 -19.62
C ILE A 12 14.24 0.88 -18.69
N PRO A 13 14.31 -2.38 -19.22
N PRO A 13 14.62 1.45 -17.54
CA PRO A 13 14.59 -2.28 -17.78
CA PRO A 13 14.60 0.61 -16.35
C PRO A 13 13.59 -1.38 -17.04
C PRO A 13 13.19 0.35 -15.88
N GLY A 14 13.17 -1.81 -15.85
N GLY A 14 13.02 -0.81 -15.23
CA GLY A 14 12.26 -1.01 -15.00
CA GLY A 14 11.85 -1.10 -14.45
C GLY A 14 10.79 -1.28 -15.24
C GLY A 14 10.54 -1.45 -15.14
N ARG A 15 10.54 -1.87 -16.40
CA ARG A 15 9.23 -2.24 -16.94
C ARG A 15 8.75 -3.58 -16.40
N LEU A 16 7.45 -3.79 -16.51
CA LEU A 16 6.83 -4.98 -15.95
C LEU A 16 6.05 -5.67 -17.06
N ASP A 17 6.55 -5.58 -18.29
CA ASP A 17 5.90 -6.24 -19.41
C ASP A 17 5.87 -7.74 -19.21
N GLY A 18 4.70 -8.31 -19.40
CA GLY A 18 4.54 -9.75 -19.26
C GLY A 18 4.23 -10.14 -17.84
N LYS A 19 4.24 -9.18 -16.92
CA LYS A 19 3.94 -9.49 -15.51
C LYS A 19 2.47 -9.24 -15.16
N VAL A 20 2.02 -9.90 -14.10
CA VAL A 20 0.65 -9.72 -13.60
C VAL A 20 0.75 -9.27 -12.16
N ALA A 21 0.06 -8.16 -11.83
CA ALA A 21 0.10 -7.59 -10.49
C ALA A 21 -1.29 -7.50 -9.88
N LEU A 22 -1.36 -7.75 -8.58
CA LEU A 22 -2.60 -7.57 -7.83
C LEU A 22 -2.37 -6.41 -6.86
N VAL A 23 -3.30 -5.48 -6.80
CA VAL A 23 -3.15 -4.32 -5.92
C VAL A 23 -4.41 -4.16 -5.09
N THR A 24 -4.27 -4.17 -3.77
CA THR A 24 -5.44 -3.99 -2.89
C THR A 24 -5.61 -2.51 -2.56
N GLY A 25 -6.77 -2.15 -2.05
CA GLY A 25 -7.00 -0.75 -1.65
C GLY A 25 -7.00 0.19 -2.84
N SER A 26 -7.43 -0.31 -4.00
CA SER A 26 -7.45 0.48 -5.25
C SER A 26 -8.55 1.54 -5.32
N GLY A 27 -9.43 1.60 -4.32
CA GLY A 27 -10.52 2.61 -4.23
C GLY A 27 -10.19 3.88 -3.45
N ARG A 28 -8.97 3.95 -2.91
CA ARG A 28 -8.48 5.20 -2.31
C ARG A 28 -7.26 5.66 -3.08
N GLY A 29 -6.91 6.94 -2.91
CA GLY A 29 -5.80 7.60 -3.55
C GLY A 29 -4.53 6.79 -3.79
N ILE A 30 -3.85 6.35 -2.75
CA ILE A 30 -2.55 5.66 -2.96
C ILE A 30 -2.70 4.38 -3.77
N GLY A 31 -3.63 3.51 -3.36
CA GLY A 31 -3.80 2.25 -4.08
C GLY A 31 -4.18 2.46 -5.53
N ALA A 32 -5.07 3.41 -5.80
CA ALA A 32 -5.45 3.70 -7.17
C ALA A 32 -4.22 4.10 -8.01
N ALA A 33 -3.39 5.00 -7.46
CA ALA A 33 -2.19 5.45 -8.14
C ALA A 33 -1.19 4.29 -8.37
N VAL A 34 -1.06 3.39 -7.40
CA VAL A 34 -0.19 2.22 -7.54
C VAL A 34 -0.70 1.31 -8.66
N ALA A 35 -2.00 1.04 -8.68
CA ALA A 35 -2.59 0.21 -9.74
C ALA A 35 -2.36 0.76 -11.13
N VAL A 36 -2.67 2.05 -11.32
CA VAL A 36 -2.47 2.69 -12.61
C VAL A 36 -0.98 2.65 -12.99
N HIS A 37 -0.12 2.95 -12.02
CA HIS A 37 1.30 3.01 -12.33
C HIS A 37 1.87 1.65 -12.75
N LEU A 38 1.45 0.58 -12.08
CA LEU A 38 1.92 -0.76 -12.49
C LEU A 38 1.42 -1.09 -13.89
N GLY A 39 0.19 -0.68 -14.21
CA GLY A 39 -0.31 -0.80 -15.59
C GLY A 39 0.54 -0.02 -16.59
N ARG A 40 0.91 1.20 -16.21
CA ARG A 40 1.69 2.08 -17.10
C ARG A 40 3.05 1.44 -17.38
N LEU A 41 3.58 0.75 -16.37
CA LEU A 41 4.86 0.03 -16.48
C LEU A 41 4.74 -1.27 -17.26
N GLY A 42 3.52 -1.68 -17.60
CA GLY A 42 3.34 -2.83 -18.46
C GLY A 42 2.69 -4.05 -17.84
N ALA A 43 2.41 -4.01 -16.54
CA ALA A 43 1.75 -5.13 -15.93
C ALA A 43 0.27 -5.19 -16.29
N LYS A 44 -0.28 -6.41 -16.33
CA LYS A 44 -1.74 -6.57 -16.28
C LYS A 44 -2.09 -6.51 -14.79
N VAL A 45 -3.22 -5.89 -14.45
CA VAL A 45 -3.51 -5.55 -13.08
C VAL A 45 -4.87 -6.07 -12.60
N VAL A 46 -4.85 -6.79 -11.49
CA VAL A 46 -6.06 -7.06 -10.70
C VAL A 46 -6.26 -5.90 -9.74
N VAL A 47 -7.29 -5.12 -10.00
CA VAL A 47 -7.63 -3.95 -9.20
C VAL A 47 -8.53 -4.46 -8.09
N ASN A 48 -7.93 -4.73 -6.93
CA ASN A 48 -8.74 -5.16 -5.81
C ASN A 48 -9.15 -3.92 -4.99
N TYR A 49 -10.36 -3.98 -4.44
CA TYR A 49 -10.96 -2.81 -3.76
C TYR A 49 -11.98 -3.33 -2.76
N ALA A 50 -12.34 -2.46 -1.84
CA ALA A 50 -13.19 -2.80 -0.70
C ALA A 50 -14.66 -2.43 -0.85
N ASN A 51 -14.96 -1.38 -1.62
CA ASN A 51 -16.28 -0.78 -1.56
C ASN A 51 -16.87 -0.42 -2.92
N SER A 52 -16.52 0.74 -3.49
CA SER A 52 -17.18 1.20 -4.70
C SER A 52 -16.75 0.50 -5.95
N THR A 53 -17.64 -0.29 -6.53
CA THR A 53 -17.38 -0.94 -7.82
C THR A 53 -17.22 0.08 -8.97
N LYS A 54 -18.08 1.10 -9.03
CA LYS A 54 -17.91 2.15 -10.03
C LYS A 54 -16.52 2.81 -9.98
N ASP A 55 -16.05 3.13 -8.77
CA ASP A 55 -14.70 3.69 -8.61
C ASP A 55 -13.62 2.75 -9.11
N ALA A 56 -13.72 1.48 -8.73
CA ALA A 56 -12.72 0.51 -9.17
C ALA A 56 -12.70 0.33 -10.67
N GLU A 57 -13.86 0.41 -11.30
CA GLU A 57 -13.93 0.23 -12.73
C GLU A 57 -13.32 1.46 -13.46
N LYS A 58 -13.31 2.62 -12.81
CA LYS A 58 -12.65 3.81 -13.38
C LYS A 58 -11.13 3.54 -13.41
N VAL A 59 -10.61 2.88 -12.39
CA VAL A 59 -9.19 2.54 -12.36
C VAL A 59 -8.89 1.52 -13.46
N VAL A 60 -9.74 0.50 -13.60
CA VAL A 60 -9.60 -0.49 -14.68
C VAL A 60 -9.56 0.21 -16.03
N SER A 61 -10.49 1.14 -16.23
CA SER A 61 -10.60 1.83 -17.50
C SER A 61 -9.35 2.64 -17.78
N GLU A 62 -8.78 3.23 -16.75
CA GLU A 62 -7.59 4.05 -16.92
C GLU A 62 -6.39 3.19 -17.35
N ILE A 63 -6.29 2.00 -16.75
CA ILE A 63 -5.22 1.06 -17.09
C ILE A 63 -5.40 0.56 -18.52
N LYS A 64 -6.63 0.26 -18.93
CA LYS A 64 -6.85 -0.17 -20.31
C LYS A 64 -6.49 0.92 -21.29
N ALA A 65 -6.83 2.17 -20.93
CA ALA A 65 -6.57 3.30 -21.81
C ALA A 65 -5.07 3.49 -22.05
N LEU A 66 -4.27 3.05 -21.09
CA LEU A 66 -2.81 3.08 -21.15
C LEU A 66 -2.24 1.94 -21.97
N GLY A 67 -3.07 1.00 -22.41
CA GLY A 67 -2.61 -0.14 -23.18
C GLY A 67 -2.37 -1.45 -22.46
N SER A 68 -2.72 -1.52 -21.16
CA SER A 68 -2.58 -2.74 -20.33
C SER A 68 -3.91 -3.30 -19.85
N ASP A 69 -4.00 -4.62 -19.70
CA ASP A 69 -5.26 -5.22 -19.31
C ASP A 69 -5.46 -5.11 -17.79
N ALA A 70 -6.72 -5.01 -17.36
CA ALA A 70 -7.03 -4.97 -15.93
C ALA A 70 -8.42 -5.55 -15.68
N ILE A 71 -8.62 -6.02 -14.47
CA ILE A 71 -9.94 -6.48 -14.02
C ILE A 71 -10.14 -6.04 -12.57
N ALA A 72 -11.37 -5.65 -12.23
CA ALA A 72 -11.71 -5.34 -10.85
C ALA A 72 -12.26 -6.59 -10.15
N ILE A 73 -11.65 -6.93 -9.03
CA ILE A 73 -12.14 -8.03 -8.19
C ILE A 73 -12.23 -7.53 -6.76
N LYS A 74 -13.43 -7.55 -6.20
CA LYS A 74 -13.68 -7.05 -4.88
C LYS A 74 -13.28 -8.07 -3.80
N ALA A 75 -12.87 -7.58 -2.63
CA ALA A 75 -12.72 -8.46 -1.47
C ALA A 75 -12.78 -7.67 -0.20
N ASP A 76 -13.38 -8.27 0.83
CA ASP A 76 -13.28 -7.79 2.21
C ASP A 76 -12.01 -8.44 2.79
N ILE A 77 -10.94 -7.64 2.82
CA ILE A 77 -9.63 -8.14 3.25
C ILE A 77 -9.59 -8.51 4.76
N ARG A 78 -10.60 -8.08 5.52
CA ARG A 78 -10.77 -8.61 6.87
C ARG A 78 -11.14 -10.08 6.92
N GLN A 79 -11.74 -10.62 5.86
CA GLN A 79 -12.18 -12.00 5.83
C GLN A 79 -11.17 -12.83 5.06
N VAL A 80 -10.39 -13.63 5.78
CA VAL A 80 -9.35 -14.44 5.11
C VAL A 80 -9.90 -15.33 3.96
N PRO A 81 -11.09 -15.97 4.11
CA PRO A 81 -11.63 -16.73 2.96
C PRO A 81 -11.80 -15.89 1.69
N GLU A 82 -12.08 -14.60 1.86
CA GLU A 82 -12.17 -13.69 0.70
C GLU A 82 -10.82 -13.36 0.10
N ILE A 83 -9.76 -13.30 0.92
CA ILE A 83 -8.41 -13.12 0.39
C ILE A 83 -8.02 -14.35 -0.44
N VAL A 84 -8.31 -15.55 0.10
CA VAL A 84 -8.09 -16.79 -0.65
C VAL A 84 -8.80 -16.74 -2.01
N LYS A 85 -10.09 -16.40 -2.01
CA LYS A 85 -10.83 -16.35 -3.27
C LYS A 85 -10.32 -15.29 -4.24
N LEU A 86 -9.95 -14.13 -3.72
CA LEU A 86 -9.37 -13.06 -4.54
C LEU A 86 -8.15 -13.57 -5.30
N PHE A 87 -7.23 -14.21 -4.57
CA PHE A 87 -6.03 -14.70 -5.23
C PHE A 87 -6.28 -15.85 -6.18
N ASP A 88 -7.17 -16.78 -5.82
CA ASP A 88 -7.57 -17.84 -6.75
C ASP A 88 -8.13 -17.25 -8.04
N GLN A 89 -9.00 -16.25 -7.92
CA GLN A 89 -9.64 -15.64 -9.09
C GLN A 89 -8.66 -14.85 -9.94
N ALA A 90 -7.70 -14.19 -9.30
CA ALA A 90 -6.65 -13.48 -10.01
C ALA A 90 -5.88 -14.44 -10.92
N VAL A 91 -5.43 -15.54 -10.34
CA VAL A 91 -4.66 -16.56 -11.09
C VAL A 91 -5.53 -17.22 -12.18
N ALA A 92 -6.80 -17.47 -11.87
CA ALA A 92 -7.67 -18.08 -12.88
C ALA A 92 -7.90 -17.15 -14.07
N HIS A 93 -7.95 -15.84 -13.82
CA HIS A 93 -8.27 -14.89 -14.89
C HIS A 93 -7.05 -14.62 -15.78
N PHE A 94 -5.91 -14.29 -15.16
CA PHE A 94 -4.71 -13.94 -15.93
C PHE A 94 -3.71 -15.08 -16.13
N GLY A 95 -3.94 -16.23 -15.49
CA GLY A 95 -3.09 -17.42 -15.68
C GLY A 95 -2.01 -17.59 -14.61
N HIS A 96 -1.53 -16.47 -14.07
CA HIS A 96 -0.48 -16.48 -13.06
C HIS A 96 -0.45 -15.10 -12.40
N LEU A 97 0.32 -14.98 -11.33
CA LEU A 97 0.45 -13.74 -10.61
C LEU A 97 1.89 -13.61 -10.15
N ASP A 98 2.48 -12.45 -10.43
CA ASP A 98 3.89 -12.18 -10.10
C ASP A 98 4.08 -11.21 -8.94
N ILE A 99 3.14 -10.28 -8.79
CA ILE A 99 3.29 -9.13 -7.89
C ILE A 99 2.03 -8.96 -7.06
N ALA A 100 2.18 -8.77 -5.76
CA ALA A 100 1.04 -8.41 -4.89
C ALA A 100 1.42 -7.20 -4.04
N VAL A 101 0.62 -6.15 -4.14
CA VAL A 101 0.82 -4.93 -3.34
C VAL A 101 -0.42 -4.70 -2.51
N SER A 102 -0.25 -4.62 -1.20
CA SER A 102 -1.33 -4.23 -0.29
C SER A 102 -1.26 -2.78 0.05
N ASN A 103 -2.35 -2.05 -0.24
CA ASN A 103 -2.58 -0.68 0.27
C ASN A 103 -3.76 -0.68 1.23
N SER A 104 -4.02 -1.82 1.87
CA SER A 104 -5.19 -1.96 2.72
C SER A 104 -4.92 -1.40 4.11
N GLY A 105 -5.83 -0.57 4.62
CA GLY A 105 -5.73 -0.07 5.99
C GLY A 105 -6.73 1.01 6.26
N VAL A 106 -6.92 1.25 7.55
CA VAL A 106 -7.72 2.33 8.06
C VAL A 106 -6.95 3.07 9.15
N VAL A 107 -7.15 4.37 9.22
CA VAL A 107 -6.58 5.18 10.29
C VAL A 107 -7.50 5.22 11.52
N SER A 108 -6.92 5.59 12.65
CA SER A 108 -7.62 5.68 13.92
C SER A 108 -6.87 6.63 14.82
N PHE A 109 -7.62 7.39 15.61
CA PHE A 109 -7.05 8.31 16.59
C PHE A 109 -7.79 8.22 17.89
N GLY A 110 -7.03 8.40 18.98
CA GLY A 110 -7.63 8.53 20.30
C GLY A 110 -6.57 8.24 21.35
N HIS A 111 -6.70 8.93 22.49
CA HIS A 111 -5.86 8.63 23.64
C HIS A 111 -6.05 7.17 24.06
N LEU A 112 -4.96 6.55 24.48
CA LEU A 112 -4.98 5.17 25.01
C LEU A 112 -6.17 4.91 25.94
N LYS A 113 -6.43 5.85 26.83
CA LYS A 113 -7.45 5.71 27.90
C LYS A 113 -8.84 5.39 27.33
N ASP A 114 -9.09 5.82 26.10
CA ASP A 114 -10.41 5.74 25.48
C ASP A 114 -10.53 4.68 24.40
N VAL A 115 -9.45 3.96 24.10
CA VAL A 115 -9.50 2.97 23.03
C VAL A 115 -10.32 1.77 23.47
N THR A 116 -11.30 1.40 22.65
CA THR A 116 -12.21 0.29 22.98
C THR A 116 -11.70 -1.01 22.35
N GLU A 117 -12.22 -2.13 22.86
CA GLU A 117 -12.04 -3.42 22.17
C GLU A 117 -12.43 -3.36 20.71
N GLU A 118 -13.60 -2.76 20.44
CA GLU A 118 -14.10 -2.70 19.07
C GLU A 118 -13.18 -1.93 18.16
N GLU A 119 -12.62 -0.82 18.66
CA GLU A 119 -11.75 0.00 17.83
C GLU A 119 -10.43 -0.73 17.58
N PHE A 120 -9.87 -1.37 18.62
CA PHE A 120 -8.67 -2.15 18.45
C PHE A 120 -8.86 -3.17 17.31
N ASP A 121 -9.98 -3.91 17.41
CA ASP A 121 -10.24 -4.97 16.42
C ASP A 121 -10.50 -4.43 15.02
N ARG A 122 -11.20 -3.29 14.94
CA ARG A 122 -11.43 -2.61 13.65
C ARG A 122 -10.11 -2.32 12.94
N VAL A 123 -9.14 -1.80 13.66
CA VAL A 123 -7.86 -1.44 13.08
C VAL A 123 -7.00 -2.66 12.82
N PHE A 124 -6.84 -3.54 13.81
CA PHE A 124 -5.89 -4.65 13.59
C PHE A 124 -6.38 -5.67 12.57
N SER A 125 -7.71 -5.88 12.52
CA SER A 125 -8.25 -6.85 11.58
C SER A 125 -7.88 -6.56 10.15
N LEU A 126 -7.81 -5.28 9.77
CA LEU A 126 -7.44 -4.91 8.41
C LEU A 126 -5.94 -4.60 8.25
N ASN A 127 -5.45 -3.69 9.08
CA ASN A 127 -4.09 -3.16 8.92
C ASN A 127 -3.01 -4.20 9.15
N THR A 128 -3.28 -5.14 10.03
CA THR A 128 -2.24 -6.04 10.50
C THR A 128 -2.58 -7.48 10.12
N ARG A 129 -3.73 -7.97 10.60
CA ARG A 129 -4.18 -9.32 10.25
C ARG A 129 -4.47 -9.44 8.75
N GLY A 130 -5.21 -8.48 8.19
CA GLY A 130 -5.53 -8.52 6.76
C GLY A 130 -4.28 -8.52 5.91
N GLN A 131 -3.37 -7.60 6.19
CA GLN A 131 -2.13 -7.57 5.43
C GLN A 131 -1.28 -8.84 5.58
N PHE A 132 -1.26 -9.41 6.77
CA PHE A 132 -0.51 -10.67 7.03
C PHE A 132 -1.06 -11.74 6.08
N PHE A 133 -2.39 -11.86 6.00
CA PHE A 133 -2.95 -12.91 5.15
C PHE A 133 -2.95 -12.62 3.65
N VAL A 134 -2.92 -11.33 3.28
CA VAL A 134 -2.63 -10.99 1.90
C VAL A 134 -1.22 -11.52 1.56
N ALA A 135 -0.23 -11.30 2.44
CA ALA A 135 1.10 -11.86 2.20
C ALA A 135 1.07 -13.38 2.15
N ARG A 136 0.32 -14.03 3.03
CA ARG A 136 0.26 -15.49 3.00
C ARG A 136 -0.29 -16.00 1.66
N GLU A 137 -1.38 -15.39 1.20
CA GLU A 137 -1.98 -15.87 -0.05
C GLU A 137 -1.11 -15.50 -1.23
N ALA A 138 -0.39 -14.38 -1.14
CA ALA A 138 0.53 -14.01 -2.23
C ALA A 138 1.65 -15.04 -2.30
N TYR A 139 2.25 -15.41 -1.15
CA TYR A 139 3.27 -16.44 -1.17
C TYR A 139 2.76 -17.71 -1.83
N ARG A 140 1.57 -18.13 -1.42
CA ARG A 140 0.99 -19.39 -1.92
C ARG A 140 0.73 -19.37 -3.43
N HIS A 141 0.42 -18.21 -4.00
CA HIS A 141 -0.06 -18.14 -5.39
C HIS A 141 0.99 -17.61 -6.35
N LEU A 142 1.99 -16.89 -5.83
CA LEU A 142 2.93 -16.21 -6.70
C LEU A 142 3.86 -17.11 -7.49
N THR A 143 4.21 -16.66 -8.68
CA THR A 143 5.27 -17.31 -9.45
C THR A 143 6.63 -17.08 -8.80
N GLU A 144 7.57 -18.01 -9.01
CA GLU A 144 8.94 -17.84 -8.53
C GLU A 144 9.53 -16.54 -9.01
N GLY A 145 10.23 -15.85 -8.11
CA GLY A 145 10.85 -14.58 -8.44
C GLY A 145 9.92 -13.38 -8.31
N GLY A 146 8.76 -13.58 -7.67
CA GLY A 146 7.76 -12.51 -7.53
C GLY A 146 8.07 -11.48 -6.46
N ARG A 147 7.03 -10.70 -6.15
CA ARG A 147 7.19 -9.51 -5.31
C ARG A 147 5.97 -9.33 -4.45
N ILE A 148 6.20 -9.08 -3.18
CA ILE A 148 5.16 -8.66 -2.23
C ILE A 148 5.55 -7.35 -1.57
N VAL A 149 4.62 -6.41 -1.56
CA VAL A 149 4.84 -5.12 -0.88
C VAL A 149 3.62 -4.83 -0.02
N LEU A 150 3.88 -4.58 1.26
CA LEU A 150 2.82 -4.21 2.21
C LEU A 150 2.93 -2.74 2.60
N THR A 151 1.93 -2.19 3.30
CA THR A 151 1.96 -0.77 3.66
C THR A 151 2.12 -0.66 5.17
N SER A 152 3.19 0.05 5.55
CA SER A 152 3.43 0.41 6.93
C SER A 152 3.02 1.90 7.08
N SER A 153 3.81 2.75 7.75
CA SER A 153 3.51 4.17 7.90
C SER A 153 4.72 4.83 8.53
N ASN A 154 4.95 6.09 8.25
CA ASN A 154 5.99 6.80 8.98
C ASN A 154 5.70 6.84 10.48
N THR A 155 4.45 6.61 10.86
CA THR A 155 4.10 6.60 12.30
C THR A 155 4.55 5.34 13.01
N SER A 156 4.96 4.29 12.29
CA SER A 156 5.38 3.04 12.94
C SER A 156 6.60 3.32 13.82
N LYS A 157 7.58 4.01 13.26
CA LYS A 157 8.87 4.22 13.92
C LYS A 157 9.38 5.66 13.81
N ASP A 158 9.08 6.34 12.71
CA ASP A 158 9.83 7.55 12.39
C ASP A 158 9.16 8.85 12.80
N PHE A 159 7.90 8.76 13.21
CA PHE A 159 7.11 9.94 13.57
C PHE A 159 6.25 9.53 14.74
N SER A 160 6.23 10.38 15.77
CA SER A 160 5.49 10.08 17.03
C SER A 160 4.31 11.06 17.18
N VAL A 161 3.10 10.53 17.00
CA VAL A 161 1.87 11.34 17.02
C VAL A 161 1.09 10.97 18.29
N PRO A 162 0.89 11.94 19.20
CA PRO A 162 0.08 11.62 20.39
C PRO A 162 -1.29 11.11 19.92
N LYS A 163 -1.91 10.25 20.75
CA LYS A 163 -3.27 9.78 20.43
C LYS A 163 -3.32 8.97 19.14
N HIS A 164 -2.21 8.30 18.80
CA HIS A 164 -2.16 7.51 17.59
C HIS A 164 -1.46 6.17 17.88
N SER A 165 -1.61 5.68 19.11
CA SER A 165 -0.90 4.47 19.49
C SER A 165 -1.39 3.23 18.76
N LEU A 166 -2.72 3.10 18.64
CA LEU A 166 -3.29 1.90 18.04
C LEU A 166 -2.83 1.75 16.59
N TYR A 167 -2.96 2.84 15.81
CA TYR A 167 -2.57 2.75 14.42
C TYR A 167 -1.05 2.51 14.29
N SER A 168 -0.27 3.26 15.08
CA SER A 168 1.18 3.16 15.00
C SER A 168 1.63 1.72 15.26
N GLY A 169 1.03 1.09 16.25
CA GLY A 169 1.33 -0.31 16.53
C GLY A 169 0.85 -1.26 15.45
N SER A 170 -0.27 -0.94 14.78
CA SER A 170 -0.72 -1.83 13.72
C SER A 170 0.30 -1.90 12.58
N LYS A 171 1.02 -0.79 12.40
CA LYS A 171 2.04 -0.74 11.35
C LYS A 171 3.41 -1.18 11.84
N GLY A 172 3.72 -1.01 13.12
CA GLY A 172 4.96 -1.61 13.71
C GLY A 172 4.97 -3.12 13.51
N ALA A 173 3.82 -3.75 13.62
CA ALA A 173 3.76 -5.20 13.35
C ALA A 173 4.13 -5.53 11.91
N VAL A 174 3.63 -4.74 10.97
CA VAL A 174 3.93 -4.93 9.54
C VAL A 174 5.43 -4.82 9.29
N ASP A 175 6.12 -3.88 9.93
CA ASP A 175 7.56 -3.74 9.70
C ASP A 175 8.29 -5.03 10.10
N SER A 176 7.92 -5.60 11.26
CA SER A 176 8.56 -6.83 11.66
C SER A 176 8.16 -7.99 10.73
N PHE A 177 6.87 -8.06 10.36
CA PHE A 177 6.44 -9.10 9.44
C PHE A 177 7.31 -9.13 8.20
N VAL A 178 7.51 -7.97 7.53
CA VAL A 178 8.17 -8.05 6.22
C VAL A 178 9.61 -8.55 6.34
N ARG A 179 10.30 -8.16 7.42
CA ARG A 179 11.67 -8.62 7.60
C ARG A 179 11.72 -10.16 7.68
N ILE A 180 10.75 -10.76 8.36
CA ILE A 180 10.79 -12.21 8.52
C ILE A 180 10.14 -12.90 7.31
N PHE A 181 9.08 -12.28 6.75
CA PHE A 181 8.49 -12.84 5.50
C PHE A 181 9.54 -12.98 4.44
N SER A 182 10.50 -12.06 4.40
CA SER A 182 11.54 -12.17 3.38
C SER A 182 12.35 -13.45 3.52
N LYS A 183 12.51 -13.91 4.77
CA LYS A 183 13.21 -15.17 4.99
C LYS A 183 12.38 -16.34 4.43
N ASP A 184 11.12 -16.42 4.86
CA ASP A 184 10.28 -17.56 4.43
C ASP A 184 10.03 -17.55 2.92
N CYS A 185 9.79 -16.35 2.36
CA CYS A 185 9.40 -16.24 0.96
C CYS A 185 10.57 -16.41 0.01
N GLY A 186 11.79 -16.35 0.55
CA GLY A 186 12.97 -16.61 -0.28
C GLY A 186 12.99 -18.00 -0.91
N ASP A 187 12.23 -18.93 -0.33
CA ASP A 187 12.17 -20.25 -0.93
C ASP A 187 11.47 -20.34 -2.30
N LYS A 188 10.77 -19.26 -2.67
CA LYS A 188 10.22 -19.10 -4.01
C LYS A 188 10.87 -17.88 -4.68
N LYS A 189 11.99 -17.40 -4.11
CA LYS A 189 12.72 -16.22 -4.63
C LYS A 189 11.81 -14.98 -4.72
N ILE A 190 10.87 -14.88 -3.79
CA ILE A 190 9.95 -13.75 -3.71
C ILE A 190 10.53 -12.76 -2.71
N THR A 191 10.66 -11.50 -3.11
CA THR A 191 11.09 -10.46 -2.15
C THR A 191 9.85 -9.88 -1.47
N VAL A 192 10.05 -9.39 -0.25
CA VAL A 192 8.96 -8.83 0.55
C VAL A 192 9.45 -7.55 1.19
N ASN A 193 8.75 -6.45 0.93
CA ASN A 193 9.11 -5.15 1.50
C ASN A 193 7.87 -4.43 1.93
N ALA A 194 8.09 -3.37 2.70
CA ALA A 194 6.97 -2.45 2.99
C ALA A 194 7.32 -1.03 2.60
N VAL A 195 6.28 -0.28 2.22
CA VAL A 195 6.43 1.17 2.11
C VAL A 195 5.77 1.86 3.29
N ALA A 196 6.41 2.90 3.83
CA ALA A 196 5.94 3.61 5.01
C ALA A 196 5.78 5.08 4.63
N PRO A 197 4.62 5.43 4.02
CA PRO A 197 4.41 6.82 3.58
C PRO A 197 4.27 7.77 4.74
N GLY A 198 4.71 8.99 4.51
CA GLY A 198 4.38 10.10 5.39
C GLY A 198 3.04 10.71 4.94
C GLY A 198 3.84 11.31 4.66
N GLY A 199 2.89 11.95 5.35
CA GLY A 199 1.88 12.90 4.85
C GLY A 199 1.64 12.88 3.36
N THR A 200 0.59 12.17 2.96
CA THR A 200 0.22 12.05 1.56
C THR A 200 -1.16 12.69 1.33
N VAL A 201 -1.21 13.62 0.40
CA VAL A 201 -2.46 14.35 0.16
C VAL A 201 -3.38 13.55 -0.74
N THR A 202 -4.59 13.30 -0.22
CA THR A 202 -5.68 12.69 -0.98
C THR A 202 -6.94 13.41 -0.50
N ASP A 203 -8.09 13.05 -1.08
CA ASP A 203 -9.35 13.66 -0.68
C ASP A 203 -9.76 13.35 0.76
N MET A 204 -9.05 12.44 1.41
CA MET A 204 -9.29 12.08 2.81
C MET A 204 -8.28 12.74 3.77
N PHE A 205 -7.29 13.44 3.22
CA PHE A 205 -6.22 14.00 4.05
C PHE A 205 -6.76 15.12 4.93
N HIS A 206 -7.63 15.92 4.37
CA HIS A 206 -8.07 17.13 5.04
C HIS A 206 -8.97 16.82 6.23
N GLU A 207 -9.56 15.63 6.21
CA GLU A 207 -10.45 15.25 7.31
C GLU A 207 -9.70 14.76 8.54
N VAL A 208 -8.42 14.42 8.37
CA VAL A 208 -7.64 13.92 9.51
C VAL A 208 -6.36 14.72 9.76
N SER A 209 -6.06 15.71 8.92
CA SER A 209 -4.77 16.38 9.06
C SER A 209 -4.61 17.15 10.40
N HIS A 210 -5.70 17.52 11.05
CA HIS A 210 -5.64 18.22 12.34
C HIS A 210 -5.01 17.33 13.43
N HIS A 211 -5.09 16.02 13.25
CA HIS A 211 -4.64 15.09 14.29
C HIS A 211 -3.13 15.06 14.37
N TYR A 212 -2.47 15.50 13.30
CA TYR A 212 -1.02 15.30 13.14
C TYR A 212 -0.15 16.49 13.57
N ILE A 213 -0.78 17.59 13.96
CA ILE A 213 -0.04 18.75 14.50
C ILE A 213 -0.64 19.25 15.80
N PRO A 214 0.21 19.79 16.71
CA PRO A 214 -0.36 20.34 17.94
C PRO A 214 -1.35 21.46 17.65
N ASN A 215 -2.48 21.45 18.37
CA ASN A 215 -3.57 22.40 18.18
C ASN A 215 -4.05 22.46 16.73
N GLY A 216 -4.12 21.31 16.08
CA GLY A 216 -4.44 21.21 14.67
C GLY A 216 -5.73 21.88 14.23
N THR A 217 -6.76 21.80 15.06
CA THR A 217 -8.07 22.35 14.72
C THR A 217 -8.08 23.89 14.67
N SER A 218 -7.03 24.52 15.18
CA SER A 218 -6.97 26.01 15.21
C SER A 218 -6.46 26.58 13.88
N TYR A 219 -6.04 25.68 12.99
CA TYR A 219 -5.61 26.06 11.66
C TYR A 219 -6.67 25.72 10.62
N THR A 220 -6.66 26.40 9.49
CA THR A 220 -7.49 26.02 8.35
C THR A 220 -6.92 24.77 7.66
N ALA A 221 -7.73 24.08 6.87
CA ALA A 221 -7.24 22.94 6.08
C ALA A 221 -6.06 23.31 5.17
N GLU A 222 -6.08 24.52 4.63
CA GLU A 222 -5.04 24.96 3.72
C GLU A 222 -3.77 25.21 4.51
N GLN A 223 -3.90 25.83 5.68
CA GLN A 223 -2.75 26.00 6.57
C GLN A 223 -2.13 24.66 6.94
N ARG A 224 -2.98 23.69 7.28
CA ARG A 224 -2.50 22.36 7.67
C ARG A 224 -1.80 21.66 6.51
N GLN A 225 -2.36 21.79 5.30
CA GLN A 225 -1.67 21.20 4.15
C GLN A 225 -0.30 21.87 3.92
N GLN A 226 -0.23 23.21 4.07
CA GLN A 226 1.04 23.94 3.89
C GLN A 226 2.09 23.56 4.93
N MET A 227 1.64 23.42 6.17
CA MET A 227 2.51 22.94 7.25
C MET A 227 3.04 21.55 6.96
N ALA A 228 2.16 20.68 6.47
CA ALA A 228 2.58 19.34 6.06
C ALA A 228 3.64 19.40 4.96
N ALA A 229 3.46 20.32 4.02
CA ALA A 229 4.40 20.50 2.91
C ALA A 229 5.77 20.93 3.43
N HIS A 230 5.78 21.80 4.43
CA HIS A 230 7.03 22.31 4.96
C HIS A 230 7.73 21.32 5.87
N ALA A 231 7.08 20.22 6.21
CA ALA A 231 7.72 19.16 6.99
C ALA A 231 8.81 18.47 6.19
N SER A 232 8.63 18.40 4.88
CA SER A 232 9.70 17.88 4.00
C SER A 232 10.63 19.03 3.68
N PRO A 233 11.95 18.79 3.66
CA PRO A 233 12.90 19.83 3.29
C PRO A 233 12.79 20.23 1.82
N LEU A 234 12.04 19.44 1.04
CA LEU A 234 11.70 19.78 -0.35
C LEU A 234 10.54 20.76 -0.44
N HIS A 235 9.89 21.02 0.70
CA HIS A 235 8.78 22.04 0.71
C HIS A 235 7.67 21.71 -0.29
N ARG A 236 7.28 20.44 -0.35
CA ARG A 236 6.04 20.07 -1.03
C ARG A 236 5.36 18.96 -0.29
N ASN A 237 4.07 18.76 -0.57
CA ASN A 237 3.39 17.61 -0.02
C ASN A 237 3.82 16.30 -0.69
N GLY A 238 3.61 15.19 -0.01
CA GLY A 238 3.70 13.90 -0.66
C GLY A 238 2.35 13.64 -1.33
N TRP A 239 2.42 12.88 -2.43
CA TRP A 239 1.26 12.53 -3.25
C TRP A 239 1.23 11.04 -3.48
N PRO A 240 0.06 10.51 -3.84
CA PRO A 240 -0.04 9.08 -4.16
C PRO A 240 1.01 8.65 -5.20
N GLN A 241 1.30 9.48 -6.20
CA GLN A 241 2.30 9.09 -7.18
C GLN A 241 3.70 8.86 -6.60
N ASP A 242 4.04 9.58 -5.53
CA ASP A 242 5.34 9.36 -4.89
C ASP A 242 5.44 7.93 -4.36
N VAL A 243 4.36 7.43 -3.76
CA VAL A 243 4.36 6.08 -3.25
C VAL A 243 4.40 5.10 -4.42
N ALA A 244 3.56 5.34 -5.42
CA ALA A 244 3.53 4.48 -6.62
C ALA A 244 4.90 4.35 -7.25
N ASN A 245 5.64 5.46 -7.31
CA ASN A 245 6.96 5.46 -7.98
C ASN A 245 7.89 4.48 -7.27
N VAL A 246 7.85 4.48 -5.94
CA VAL A 246 8.72 3.60 -5.18
C VAL A 246 8.27 2.13 -5.25
N VAL A 247 6.95 1.91 -5.18
CA VAL A 247 6.41 0.58 -5.36
C VAL A 247 6.85 0.01 -6.73
N GLY A 248 6.78 0.84 -7.78
CA GLY A 248 7.18 0.42 -9.09
C GLY A 248 8.62 -0.05 -9.12
N PHE A 249 9.51 0.65 -8.42
CA PHE A 249 10.88 0.20 -8.38
C PHE A 249 10.99 -1.13 -7.62
N LEU A 250 10.34 -1.22 -6.46
CA LEU A 250 10.51 -2.40 -5.61
C LEU A 250 10.05 -3.65 -6.35
N VAL A 251 9.00 -3.53 -7.17
CA VAL A 251 8.42 -4.73 -7.82
C VAL A 251 9.10 -5.03 -9.16
N SER A 252 10.07 -4.19 -9.55
CA SER A 252 10.80 -4.41 -10.80
C SER A 252 11.95 -5.40 -10.59
N LYS A 253 12.58 -5.83 -11.69
CA LYS A 253 13.76 -6.66 -11.61
C LYS A 253 14.86 -5.91 -10.86
N GLU A 254 14.98 -4.62 -11.14
CA GLU A 254 16.07 -3.82 -10.58
C GLU A 254 15.97 -3.56 -9.07
N GLY A 255 14.79 -3.83 -8.48
CA GLY A 255 14.59 -3.66 -7.01
C GLY A 255 14.88 -4.90 -6.19
N GLU A 256 15.33 -5.98 -6.82
CA GLU A 256 15.42 -7.28 -6.15
C GLU A 256 16.27 -7.26 -4.88
N TRP A 257 17.36 -6.50 -4.89
CA TRP A 257 18.29 -6.56 -3.76
C TRP A 257 17.82 -5.75 -2.55
N VAL A 258 16.72 -5.02 -2.73
CA VAL A 258 15.99 -4.46 -1.58
C VAL A 258 14.98 -5.51 -1.18
N ASN A 259 15.18 -6.11 -0.01
CA ASN A 259 14.35 -7.27 0.37
C ASN A 259 14.31 -7.30 1.89
N GLY A 260 13.10 -7.46 2.44
CA GLY A 260 12.94 -7.48 3.89
C GLY A 260 12.99 -6.12 4.52
N LYS A 261 12.81 -5.07 3.73
CA LYS A 261 13.03 -3.70 4.24
C LYS A 261 11.74 -2.91 4.27
N VAL A 262 11.75 -1.85 5.08
CA VAL A 262 10.66 -0.88 5.13
C VAL A 262 11.24 0.48 4.71
N LEU A 263 10.70 1.05 3.64
CA LEU A 263 11.22 2.31 3.12
C LEU A 263 10.26 3.42 3.56
N THR A 264 10.76 4.37 4.37
CA THR A 264 9.93 5.52 4.78
C THR A 264 9.94 6.54 3.66
N LEU A 265 8.73 6.91 3.20
CA LEU A 265 8.56 7.75 2.03
C LEU A 265 7.89 9.04 2.50
N ASP A 266 8.72 9.95 2.98
CA ASP A 266 8.23 11.20 3.56
C ASP A 266 8.98 12.41 3.00
N GLY A 267 9.70 12.24 1.89
CA GLY A 267 10.41 13.35 1.26
C GLY A 267 11.49 13.96 2.15
N GLY A 268 11.96 13.19 3.14
CA GLY A 268 13.05 13.65 4.00
C GLY A 268 12.60 14.31 5.28
N ALA A 269 11.32 14.18 5.62
CA ALA A 269 10.82 14.84 6.84
C ALA A 269 11.46 14.30 8.15
N ALA A 270 11.61 12.97 8.25
CA ALA A 270 12.10 12.39 9.51
C ALA A 270 13.53 12.85 9.82
CL CL B . -10.40 0.21 -1.68
CL CL C . -8.82 -3.20 1.64
C1 PEG D . 0.46 11.42 7.75
O1 PEG D . 0.89 12.42 8.67
C2 PEG D . 1.40 10.21 7.82
O2 PEG D . 0.64 9.04 8.04
C3 PEG D . 0.29 8.39 6.80
C4 PEG D . 0.52 6.90 6.93
O4 PEG D . -0.45 6.31 7.84
C1 GOL E . 3.84 13.97 8.45
C1 GOL E . 3.36 15.19 7.80
O1 GOL E . 3.34 12.65 8.28
O1 GOL E . 2.47 15.50 8.85
C2 GOL E . 5.20 14.20 7.78
C2 GOL E . 4.45 14.26 8.32
O2 GOL E . 5.27 13.59 6.51
O2 GOL E . 3.90 12.98 8.44
C3 GOL E . 6.33 13.74 8.70
C3 GOL E . 5.59 14.21 7.30
O3 GOL E . 6.62 14.72 9.68
O3 GOL E . 5.07 13.70 6.09
#